data_3B1U
#
_entry.id   3B1U
#
_cell.length_a   146.422
_cell.length_b   60.468
_cell.length_c   115.506
_cell.angle_alpha   90.00
_cell.angle_beta   124.43
_cell.angle_gamma   90.00
#
_symmetry.space_group_name_H-M   'C 1 2 1'
#
loop_
_entity.id
_entity.type
_entity.pdbx_description
1 polymer 'Protein-arginine deiminase type-4'
2 non-polymer '2-{[(2S)-1-amino-5-{[(1Z)-2-fluoroethanimidoyl]amino}-1-oxopentan-2-yl]carbamoyl}benzoic acid'
3 non-polymer 'SULFATE ION'
4 non-polymer 'CALCIUM ION'
5 water water
#
_entity_poly.entity_id   1
_entity_poly.type   'polypeptide(L)'
_entity_poly.pdbx_seq_one_letter_code
;GPLGSPEFMAQGTLIRVTPEQPTHAVCVLGTLTQLDICSSAPEDCTSFSINASPGVVVDIAHSPPAKKKSTGSSTWPLDP
GVEVTLTMKAASGSTGDQKVQISYYGPKTPPVKALLYLTAVEISLCADITRTGKVKPTRAVKDQRTWTWGPCGQGAILLV
NCDRDNLESSAMDCEDDEVLDSEDLQDMSLMTLSTKTPKDFFTNHTLVLHVARSEMDKVRVFQATRGKLSSKCSVVLGPK
WPSHYLMVPGGKHNMDFYVEALAFPDTDFPGLITLTISLLDTSNLELPEAVVFQDSVVFRVAPWIMTPNTQPPQEVYACS
IFENEDFLKSVTTLAMKAKCKLTICPEEENMDDQWMQDEMEIGYIQAPHKTLPVVFDSPRNRGLKEFPIKRVMGPDFGYV
TRGPQTGGISGLDSFGNLEVSPPVTVRGKEYPLGRILFGDSCYPSNDSRQMHQALQDFLSAQQVQAPVKLYSDWLSVGHV
DEFLSFVPAPDRKGFRLLLASPRSCYKLFQEQQNEGHGEALLFEGIKKKKQQKIKNILSNKTLREHNSFVERCIDWNREL
LKRELGLAESDIIDIPQLFKLKEFSKAEAFFPNMVNMLVLGKHLGIPKPFGPVINGRCCLEEKVCSLLEPLGLQCTFIND
FFTYHIRHGEVHCGTNVRRKPFSFKWWNMVP
;
_entity_poly.pdbx_strand_id   A
#
# COMPACT_ATOMS: atom_id res chain seq x y z
N GLY A 12 8.21 -27.71 21.14
CA GLY A 12 8.78 -28.50 22.27
C GLY A 12 7.77 -29.44 22.89
N THR A 13 8.21 -30.66 23.22
CA THR A 13 7.36 -31.64 23.88
C THR A 13 8.20 -32.54 24.81
N LEU A 14 7.67 -32.79 26.00
CA LEU A 14 8.33 -33.66 26.97
C LEU A 14 7.48 -34.90 27.20
N ILE A 15 7.96 -36.06 26.72
CA ILE A 15 7.27 -37.33 26.90
C ILE A 15 7.72 -38.00 28.20
N ARG A 16 6.75 -38.35 29.04
CA ARG A 16 7.03 -39.00 30.31
C ARG A 16 6.91 -40.51 30.18
N VAL A 17 8.06 -41.19 30.18
CA VAL A 17 8.11 -42.64 30.04
C VAL A 17 8.00 -43.32 31.40
N THR A 18 7.51 -44.56 31.41
CA THR A 18 7.28 -45.32 32.63
C THR A 18 7.54 -46.82 32.44
N PRO A 19 8.19 -47.46 33.42
CA PRO A 19 8.43 -48.90 33.33
C PRO A 19 7.18 -49.73 33.62
N GLU A 20 6.20 -49.13 34.28
CA GLU A 20 4.95 -49.82 34.62
C GLU A 20 4.07 -50.03 33.40
N GLN A 21 3.84 -48.95 32.66
CA GLN A 21 2.98 -48.97 31.47
C GLN A 21 3.74 -48.43 30.24
N PRO A 22 3.54 -49.06 29.07
CA PRO A 22 4.15 -48.53 27.84
C PRO A 22 3.51 -47.22 27.38
N THR A 23 4.31 -46.33 26.80
CA THR A 23 3.83 -45.03 26.34
C THR A 23 3.72 -44.99 24.81
N HIS A 24 2.66 -44.36 24.32
CA HIS A 24 2.46 -44.13 22.90
C HIS A 24 2.41 -42.63 22.63
N ALA A 25 3.09 -42.19 21.57
CA ALA A 25 3.19 -40.77 21.27
C ALA A 25 3.44 -40.50 19.79
N VAL A 26 3.03 -39.32 19.33
CA VAL A 26 3.28 -38.86 17.97
C VAL A 26 4.39 -37.82 17.97
N CYS A 27 5.25 -37.87 16.96
CA CYS A 27 6.34 -36.90 16.82
C CYS A 27 6.29 -36.25 15.44
N VAL A 28 6.04 -34.95 15.41
CA VAL A 28 6.03 -34.20 14.15
C VAL A 28 7.47 -33.82 13.80
N LEU A 29 7.88 -34.11 12.56
CA LEU A 29 9.26 -33.86 12.14
C LEU A 29 9.59 -32.37 12.12
N GLY A 30 10.77 -32.02 12.63
CA GLY A 30 11.20 -30.63 12.76
C GLY A 30 10.85 -30.02 14.12
N THR A 31 10.32 -30.84 15.02
CA THR A 31 9.96 -30.39 16.37
C THR A 31 10.92 -31.02 17.38
N LEU A 32 11.07 -30.37 18.53
CA LEU A 32 11.95 -30.85 19.60
C LEU A 32 11.18 -31.81 20.50
N THR A 33 11.64 -33.07 20.55
CA THR A 33 11.08 -34.07 21.45
C THR A 33 12.12 -34.49 22.47
N GLN A 34 11.74 -34.44 23.75
CA GLN A 34 12.61 -34.86 24.85
C GLN A 34 11.93 -35.86 25.76
N LEU A 35 12.74 -36.59 26.53
CA LEU A 35 12.25 -37.61 27.44
C LEU A 35 12.50 -37.24 28.89
N ASP A 36 11.49 -37.45 29.73
CA ASP A 36 11.66 -37.43 31.18
C ASP A 36 11.76 -38.87 31.65
N ILE A 37 12.97 -39.27 32.02
CA ILE A 37 13.26 -40.65 32.40
C ILE A 37 13.24 -40.84 33.92
N CYS A 38 13.58 -39.78 34.66
CA CYS A 38 13.79 -39.88 36.12
C CYS A 38 12.51 -39.90 36.96
N SER A 39 11.55 -39.05 36.60
CA SER A 39 10.35 -38.83 37.44
C SER A 39 9.63 -40.12 37.84
N SER A 40 9.42 -41.01 36.87
CA SER A 40 8.71 -42.27 37.12
C SER A 40 9.65 -43.48 37.14
N ALA A 41 10.94 -43.24 37.41
CA ALA A 41 11.94 -44.30 37.45
C ALA A 41 11.85 -45.06 38.78
N PRO A 42 12.12 -46.39 38.76
CA PRO A 42 12.09 -47.17 39.98
C PRO A 42 13.45 -47.14 40.71
N GLU A 43 13.46 -47.65 41.95
CA GLU A 43 14.67 -47.69 42.75
C GLU A 43 14.93 -49.10 43.27
N THR A 46 19.79 -44.13 40.15
CA THR A 46 20.89 -45.05 39.98
C THR A 46 21.49 -44.94 38.57
N SER A 47 20.99 -45.73 37.62
CA SER A 47 21.57 -45.77 36.27
C SER A 47 20.51 -46.14 35.21
N PHE A 48 20.80 -45.80 33.96
CA PHE A 48 19.93 -46.16 32.84
C PHE A 48 20.65 -46.12 31.49
N SER A 49 20.12 -46.86 30.52
CA SER A 49 20.64 -46.86 29.15
C SER A 49 19.49 -46.79 28.15
N ILE A 50 19.77 -46.20 26.99
CA ILE A 50 18.77 -46.03 25.93
C ILE A 50 19.17 -46.80 24.66
N ASN A 51 18.22 -47.55 24.13
CA ASN A 51 18.35 -48.22 22.85
C ASN A 51 17.12 -47.93 22.01
N ALA A 52 17.33 -47.48 20.78
CA ALA A 52 16.23 -47.09 19.88
C ALA A 52 16.42 -47.67 18.50
N SER A 53 15.32 -47.78 17.75
CA SER A 53 15.35 -48.28 16.37
C SER A 53 16.08 -47.29 15.46
N PRO A 54 16.67 -47.80 14.36
CA PRO A 54 17.49 -46.98 13.44
C PRO A 54 16.88 -45.65 12.99
N GLY A 55 15.55 -45.59 12.90
CA GLY A 55 14.86 -44.37 12.51
C GLY A 55 14.90 -43.26 13.55
N VAL A 56 15.11 -43.62 14.82
CA VAL A 56 15.18 -42.65 15.91
C VAL A 56 16.63 -42.31 16.25
N VAL A 57 16.94 -41.01 16.22
CA VAL A 57 18.26 -40.51 16.61
C VAL A 57 18.18 -39.93 18.03
N VAL A 58 18.79 -40.62 18.98
CA VAL A 58 18.76 -40.23 20.39
C VAL A 58 20.07 -39.57 20.81
N ASP A 59 20.01 -38.26 21.07
CA ASP A 59 21.18 -37.49 21.51
C ASP A 59 21.12 -37.26 23.02
N ILE A 60 22.29 -37.20 23.66
CA ILE A 60 22.39 -37.03 25.10
C ILE A 60 23.80 -36.62 25.51
N THR A 75 25.00 -46.77 30.45
CA THR A 75 26.18 -45.92 30.53
C THR A 75 25.83 -44.46 30.82
N TRP A 76 24.75 -44.24 31.57
CA TRP A 76 24.34 -42.89 31.98
C TRP A 76 23.64 -42.94 33.34
N PRO A 77 23.86 -41.90 34.19
CA PRO A 77 23.30 -41.88 35.54
C PRO A 77 21.89 -41.30 35.57
N LEU A 78 21.08 -41.77 36.52
CA LEU A 78 19.72 -41.27 36.69
C LEU A 78 19.75 -39.92 37.43
N ASP A 79 20.01 -38.87 36.67
CA ASP A 79 20.08 -37.50 37.19
C ASP A 79 19.14 -36.63 36.37
N PRO A 80 18.18 -35.94 37.03
CA PRO A 80 17.19 -35.10 36.36
C PRO A 80 17.74 -34.17 35.27
N GLY A 81 18.95 -33.65 35.46
CA GLY A 81 19.56 -32.71 34.52
C GLY A 81 20.06 -33.30 33.21
N VAL A 82 20.07 -34.62 33.07
CA VAL A 82 20.51 -35.27 31.84
C VAL A 82 19.45 -35.15 30.74
N GLU A 83 19.74 -34.35 29.72
CA GLU A 83 18.80 -34.12 28.61
C GLU A 83 18.86 -35.26 27.60
N VAL A 84 17.73 -35.96 27.44
CA VAL A 84 17.59 -37.00 26.43
C VAL A 84 16.62 -36.51 25.35
N THR A 85 17.15 -36.24 24.16
CA THR A 85 16.36 -35.68 23.05
C THR A 85 16.30 -36.65 21.87
N LEU A 86 15.09 -36.80 21.31
CA LEU A 86 14.84 -37.74 20.21
C LEU A 86 14.44 -36.99 18.94
N THR A 87 14.96 -37.44 17.80
CA THR A 87 14.55 -36.88 16.50
C THR A 87 14.43 -37.98 15.45
N MET A 88 13.26 -38.07 14.83
CA MET A 88 13.05 -38.95 13.67
C MET A 88 13.58 -38.27 12.42
N LYS A 89 13.98 -39.08 11.44
CA LYS A 89 14.43 -38.58 10.14
C LYS A 89 13.34 -38.65 9.07
N ALA A 90 12.49 -39.67 9.14
CA ALA A 90 11.41 -39.85 8.16
C ALA A 90 10.08 -40.18 8.84
N ALA A 91 9.00 -39.91 8.11
CA ALA A 91 7.64 -40.22 8.59
C ALA A 91 7.43 -41.73 8.70
N SER A 92 6.51 -42.11 9.57
CA SER A 92 6.22 -43.53 9.83
C SER A 92 5.35 -44.15 8.73
N GLY A 93 5.60 -45.43 8.46
CA GLY A 93 4.76 -46.20 7.55
C GLY A 93 3.52 -46.74 8.23
N SER A 94 3.66 -47.09 9.51
CA SER A 94 2.54 -47.55 10.33
C SER A 94 2.66 -47.03 11.76
N THR A 95 1.54 -47.08 12.50
CA THR A 95 1.47 -46.57 13.87
C THR A 95 2.42 -47.31 14.81
N GLY A 96 3.28 -46.55 15.48
CA GLY A 96 4.21 -47.12 16.46
C GLY A 96 5.29 -47.99 15.85
N ASP A 97 5.74 -47.65 14.64
CA ASP A 97 6.75 -48.43 13.93
C ASP A 97 8.17 -48.14 14.42
N GLN A 98 8.35 -47.04 15.14
CA GLN A 98 9.63 -46.72 15.76
C GLN A 98 9.54 -47.02 17.26
N LYS A 99 10.64 -47.53 17.82
CA LYS A 99 10.67 -47.96 19.21
C LYS A 99 11.78 -47.26 20.00
N VAL A 100 11.50 -47.00 21.27
CA VAL A 100 12.53 -46.55 22.21
C VAL A 100 12.43 -47.38 23.48
N GLN A 101 13.57 -47.87 23.95
CA GLN A 101 13.64 -48.74 25.11
C GLN A 101 14.61 -48.15 26.13
N ILE A 102 14.06 -47.76 27.28
CA ILE A 102 14.86 -47.23 28.38
C ILE A 102 15.02 -48.33 29.41
N SER A 103 16.26 -48.71 29.68
CA SER A 103 16.57 -49.78 30.63
C SER A 103 17.04 -49.20 31.95
N TYR A 104 16.22 -49.34 32.99
CA TYR A 104 16.59 -48.91 34.35
C TYR A 104 17.28 -50.06 35.07
N TYR A 105 18.55 -49.87 35.42
CA TYR A 105 19.31 -50.89 36.15
C TYR A 105 20.10 -50.29 37.31
N GLY A 106 20.73 -51.15 38.10
CA GLY A 106 21.53 -50.72 39.25
C GLY A 106 22.67 -51.68 39.58
N PRO A 107 23.39 -51.42 40.68
CA PRO A 107 24.51 -52.27 41.12
C PRO A 107 24.13 -53.73 41.35
N LYS A 108 22.96 -53.98 41.94
CA LYS A 108 22.50 -55.33 42.24
C LYS A 108 21.09 -55.59 41.70
N THR A 109 20.69 -54.83 40.68
CA THR A 109 19.33 -54.90 40.13
C THR A 109 19.36 -55.28 38.65
N PRO A 110 18.69 -56.39 38.30
CA PRO A 110 18.48 -56.73 36.89
C PRO A 110 17.67 -55.64 36.17
N PRO A 111 18.04 -55.33 34.90
CA PRO A 111 17.39 -54.21 34.20
C PRO A 111 15.87 -54.34 34.08
N VAL A 112 15.18 -53.20 34.21
CA VAL A 112 13.74 -53.14 33.98
C VAL A 112 13.46 -52.17 32.82
N LYS A 113 12.56 -52.57 31.94
CA LYS A 113 12.35 -51.88 30.66
C LYS A 113 11.12 -50.99 30.67
N ALA A 114 11.29 -49.76 30.18
CA ALA A 114 10.18 -48.87 29.85
C ALA A 114 10.15 -48.74 28.34
N LEU A 115 8.96 -48.92 27.76
CA LEU A 115 8.79 -48.90 26.31
C LEU A 115 8.07 -47.65 25.83
N LEU A 116 8.51 -47.13 24.69
CA LEU A 116 7.90 -45.98 24.06
C LEU A 116 7.72 -46.25 22.57
N TYR A 117 6.46 -46.31 22.13
CA TYR A 117 6.13 -46.52 20.71
C TYR A 117 5.90 -45.16 20.03
N LEU A 118 6.73 -44.87 19.03
CA LEU A 118 6.69 -43.58 18.34
C LEU A 118 6.08 -43.69 16.94
N THR A 119 5.30 -42.68 16.58
CA THR A 119 4.76 -42.52 15.22
C THR A 119 5.19 -41.16 14.69
N ALA A 120 6.03 -41.16 13.65
CA ALA A 120 6.53 -39.92 13.06
C ALA A 120 5.63 -39.48 11.91
N VAL A 121 5.32 -38.19 11.86
CA VAL A 121 4.52 -37.63 10.77
C VAL A 121 5.06 -36.27 10.32
N GLU A 122 4.88 -35.95 9.04
CA GLU A 122 5.18 -34.62 8.53
C GLU A 122 3.90 -33.78 8.51
N ILE A 123 3.97 -32.59 9.11
CA ILE A 123 2.86 -31.64 9.07
C ILE A 123 3.43 -30.24 8.84
N SER A 124 3.47 -29.81 7.58
CA SER A 124 4.03 -28.50 7.24
C SER A 124 3.00 -27.61 6.54
N LEU A 125 2.77 -26.43 7.12
CA LEU A 125 1.89 -25.43 6.55
C LEU A 125 2.78 -24.45 5.78
N CYS A 126 2.68 -24.46 4.45
CA CYS A 126 3.61 -23.73 3.59
C CYS A 126 2.98 -22.53 2.89
N ALA A 127 3.78 -21.48 2.72
CA ALA A 127 3.35 -20.26 2.03
C ALA A 127 4.58 -19.60 1.42
N ASP A 128 4.35 -18.53 0.63
CA ASP A 128 5.45 -17.83 -0.03
C ASP A 128 6.16 -16.86 0.94
N ILE A 129 6.86 -17.43 1.91
CA ILE A 129 7.51 -16.63 2.96
C ILE A 129 8.78 -15.92 2.50
N THR A 130 9.36 -16.41 1.41
CA THR A 130 10.54 -15.78 0.80
C THR A 130 10.18 -14.73 -0.26
N ARG A 131 8.89 -14.62 -0.59
CA ARG A 131 8.37 -13.58 -1.49
C ARG A 131 8.94 -13.67 -2.90
N THR A 132 9.03 -14.89 -3.43
CA THR A 132 9.52 -15.13 -4.78
C THR A 132 8.43 -15.63 -5.72
N GLY A 133 7.19 -15.71 -5.22
CA GLY A 133 6.10 -16.35 -5.95
C GLY A 133 6.21 -17.86 -5.97
N LYS A 134 6.98 -18.42 -5.03
CA LYS A 134 7.30 -19.86 -4.97
C LYS A 134 7.97 -20.34 -6.26
N GLN A 144 11.92 -18.24 11.44
CA GLN A 144 11.23 -17.60 12.55
C GLN A 144 9.71 -17.70 12.40
N ARG A 145 8.99 -17.36 13.47
CA ARG A 145 7.52 -17.46 13.50
C ARG A 145 6.83 -16.11 13.27
N THR A 146 7.60 -15.10 12.84
CA THR A 146 7.09 -13.74 12.72
C THR A 146 7.30 -13.16 11.32
N TRP A 147 6.68 -12.01 11.07
CA TRP A 147 6.81 -11.30 9.81
C TRP A 147 7.82 -10.18 9.97
N THR A 148 8.88 -10.21 9.17
CA THR A 148 9.95 -9.21 9.23
C THR A 148 10.14 -8.47 7.91
N TRP A 149 10.37 -7.16 7.99
CA TRP A 149 10.58 -6.32 6.81
C TRP A 149 11.98 -6.50 6.22
N GLY A 150 12.15 -6.10 4.97
CA GLY A 150 13.47 -6.00 4.34
C GLY A 150 13.83 -7.16 3.42
N PRO A 151 14.92 -7.00 2.65
CA PRO A 151 15.35 -8.00 1.67
C PRO A 151 15.87 -9.30 2.30
N CYS A 152 16.31 -9.23 3.56
CA CYS A 152 16.72 -10.42 4.31
C CYS A 152 15.63 -10.88 5.27
N GLY A 153 14.41 -10.37 5.11
CA GLY A 153 13.30 -10.71 5.98
C GLY A 153 12.46 -11.86 5.45
N GLN A 154 11.50 -12.29 6.27
CA GLN A 154 10.58 -13.37 5.91
C GLN A 154 9.13 -12.97 6.19
N GLY A 155 8.21 -13.60 5.46
CA GLY A 155 6.78 -13.38 5.66
C GLY A 155 6.03 -13.24 4.35
N ALA A 156 4.91 -13.96 4.24
CA ALA A 156 4.12 -13.96 3.00
C ALA A 156 3.27 -12.71 2.88
N ILE A 157 2.92 -12.36 1.64
CA ILE A 157 2.14 -11.19 1.33
C ILE A 157 0.71 -11.59 0.96
N LEU A 158 -0.25 -10.80 1.43
CA LEU A 158 -1.67 -11.01 1.13
C LEU A 158 -2.21 -9.75 0.47
N LEU A 159 -2.87 -9.91 -0.67
CA LEU A 159 -3.55 -8.78 -1.33
C LEU A 159 -5.00 -8.69 -0.85
N VAL A 160 -5.48 -7.47 -0.63
CA VAL A 160 -6.91 -7.24 -0.43
C VAL A 160 -7.61 -7.42 -1.77
N ASN A 161 -8.56 -8.35 -1.83
CA ASN A 161 -9.22 -8.69 -3.10
C ASN A 161 -10.31 -7.67 -3.42
N CYS A 162 -9.88 -6.44 -3.71
CA CYS A 162 -10.77 -5.29 -3.82
C CYS A 162 -11.11 -4.90 -5.26
N ASP A 163 -10.69 -5.71 -6.24
CA ASP A 163 -11.07 -5.50 -7.63
C ASP A 163 -12.32 -6.30 -7.95
N ARG A 164 -12.73 -6.31 -9.23
CA ARG A 164 -13.94 -6.99 -9.64
C ARG A 164 -13.74 -7.76 -10.95
N ASP A 165 -13.24 -8.98 -10.83
CA ASP A 165 -13.02 -9.86 -11.98
C ASP A 165 -14.34 -10.44 -12.50
N ASN A 166 -15.31 -10.58 -11.60
CA ASN A 166 -16.63 -11.10 -11.97
C ASN A 166 -17.30 -10.22 -13.02
N LEU A 167 -17.52 -10.80 -14.21
CA LEU A 167 -18.13 -10.07 -15.31
C LEU A 167 -19.57 -9.67 -14.99
N GLU A 168 -19.89 -8.40 -15.23
CA GLU A 168 -21.24 -7.86 -15.05
C GLU A 168 -21.72 -7.99 -13.60
N SER A 169 -21.16 -7.15 -12.73
CA SER A 169 -21.57 -7.10 -11.31
C SER A 169 -21.15 -5.78 -10.69
N SER A 170 -21.57 -5.56 -9.44
CA SER A 170 -21.37 -4.28 -8.75
C SER A 170 -20.32 -4.36 -7.64
N ALA A 171 -20.44 -5.37 -6.79
CA ALA A 171 -19.60 -5.48 -5.59
C ALA A 171 -18.17 -5.94 -5.89
N MET A 172 -17.28 -5.70 -4.93
CA MET A 172 -15.93 -6.25 -4.97
C MET A 172 -16.00 -7.77 -4.79
N ASP A 173 -15.00 -8.48 -5.31
CA ASP A 173 -14.96 -9.94 -5.24
C ASP A 173 -14.96 -10.48 -3.80
N CYS A 174 -14.37 -9.72 -2.87
CA CYS A 174 -14.23 -10.16 -1.48
C CYS A 174 -15.48 -9.95 -0.59
N GLU A 175 -16.54 -9.37 -1.16
CA GLU A 175 -17.76 -9.09 -0.40
C GLU A 175 -18.65 -10.33 -0.17
N ASP A 176 -18.47 -11.36 -0.99
CA ASP A 176 -19.19 -12.63 -0.80
C ASP A 176 -18.23 -13.72 -0.32
N ASP A 177 -18.74 -14.93 -0.11
CA ASP A 177 -17.92 -16.06 0.35
C ASP A 177 -17.86 -17.18 -0.70
N GLU A 178 -17.60 -16.80 -1.94
CA GLU A 178 -17.43 -17.74 -3.06
C GLU A 178 -16.36 -17.24 -4.03
N VAL A 179 -15.67 -18.17 -4.68
CA VAL A 179 -14.78 -17.84 -5.80
C VAL A 179 -15.56 -18.02 -7.10
N LEU A 180 -16.03 -16.90 -7.66
CA LEU A 180 -16.92 -16.93 -8.83
C LEU A 180 -16.19 -17.15 -10.16
N ASP A 181 -14.96 -16.66 -10.26
CA ASP A 181 -14.18 -16.79 -11.49
C ASP A 181 -12.81 -17.40 -11.23
N SER A 182 -12.30 -18.14 -12.22
CA SER A 182 -10.97 -18.75 -12.13
C SER A 182 -9.86 -17.70 -12.10
N GLU A 183 -10.09 -16.58 -12.79
CA GLU A 183 -9.13 -15.47 -12.82
C GLU A 183 -8.97 -14.81 -11.46
N ASP A 184 -10.04 -14.84 -10.66
CA ASP A 184 -10.06 -14.28 -9.31
C ASP A 184 -8.98 -14.91 -8.40
N LEU A 185 -8.69 -16.18 -8.62
CA LEU A 185 -7.66 -16.90 -7.84
C LEU A 185 -6.26 -16.31 -8.01
N GLN A 186 -6.01 -15.62 -9.12
CA GLN A 186 -4.72 -14.99 -9.38
C GLN A 186 -4.41 -13.87 -8.38
N ASP A 187 -5.46 -13.27 -7.82
CA ASP A 187 -5.31 -12.22 -6.80
C ASP A 187 -5.05 -12.79 -5.41
N MET A 188 -5.29 -14.07 -5.21
CA MET A 188 -5.20 -14.69 -3.89
C MET A 188 -3.84 -15.32 -3.65
N SER A 189 -3.49 -15.48 -2.38
CA SER A 189 -2.22 -16.09 -1.97
C SER A 189 -2.41 -17.59 -1.76
N LEU A 190 -1.51 -18.39 -2.31
CA LEU A 190 -1.57 -19.84 -2.18
C LEU A 190 -0.97 -20.28 -0.84
N MET A 191 -1.63 -21.21 -0.17
CA MET A 191 -1.12 -21.83 1.05
C MET A 191 -1.39 -23.32 0.96
N THR A 192 -0.35 -24.14 1.14
CA THR A 192 -0.46 -25.59 0.98
C THR A 192 -0.14 -26.33 2.27
N LEU A 193 -1.01 -27.26 2.65
CA LEU A 193 -0.76 -28.15 3.77
C LEU A 193 -0.21 -29.46 3.20
N SER A 194 1.05 -29.76 3.53
CA SER A 194 1.68 -31.02 3.15
C SER A 194 1.72 -31.97 4.35
N THR A 195 1.26 -33.19 4.15
CA THR A 195 1.26 -34.19 5.21
C THR A 195 1.80 -35.52 4.71
N LYS A 196 2.59 -36.19 5.55
CA LYS A 196 3.04 -37.56 5.31
C LYS A 196 2.86 -38.35 6.60
N THR A 197 1.88 -39.26 6.59
CA THR A 197 1.51 -40.01 7.79
C THR A 197 1.25 -41.48 7.43
N PRO A 198 1.06 -42.33 8.45
CA PRO A 198 0.55 -43.67 8.18
C PRO A 198 -0.84 -43.65 7.53
N LYS A 199 -1.18 -44.73 6.84
CA LYS A 199 -2.45 -44.82 6.10
C LYS A 199 -3.66 -44.64 7.01
N ASP A 200 -3.57 -45.15 8.24
CA ASP A 200 -4.68 -45.10 9.21
C ASP A 200 -4.57 -43.97 10.23
N PHE A 201 -3.63 -43.03 10.01
CA PHE A 201 -3.29 -42.02 11.01
C PHE A 201 -4.48 -41.16 11.46
N PHE A 202 -5.36 -40.80 10.53
CA PHE A 202 -6.47 -39.90 10.81
C PHE A 202 -7.73 -40.62 11.33
N THR A 203 -7.59 -41.90 11.67
CA THR A 203 -8.61 -42.59 12.45
C THR A 203 -8.67 -42.02 13.86
N ASN A 204 -7.51 -41.74 14.44
CA ASN A 204 -7.39 -41.25 15.82
C ASN A 204 -6.83 -39.83 15.93
N HIS A 205 -6.59 -39.17 14.80
CA HIS A 205 -6.15 -37.79 14.79
C HIS A 205 -6.95 -36.97 13.79
N THR A 206 -7.04 -35.67 14.04
CA THR A 206 -7.75 -34.75 13.15
C THR A 206 -6.99 -33.43 13.07
N LEU A 207 -6.98 -32.84 11.88
CA LEU A 207 -6.34 -31.55 11.66
C LEU A 207 -7.41 -30.46 11.59
N VAL A 208 -7.15 -29.35 12.27
CA VAL A 208 -8.05 -28.21 12.23
C VAL A 208 -7.28 -26.94 11.83
N LEU A 209 -7.84 -26.21 10.88
CA LEU A 209 -7.26 -24.99 10.39
C LEU A 209 -8.03 -23.86 11.04
N HIS A 210 -7.33 -22.83 11.53
CA HIS A 210 -8.00 -21.74 12.21
C HIS A 210 -7.29 -20.38 12.14
N VAL A 211 -8.07 -19.35 12.43
CA VAL A 211 -7.61 -17.97 12.52
C VAL A 211 -8.31 -17.36 13.73
N ALA A 212 -7.61 -16.50 14.46
CA ALA A 212 -8.16 -15.88 15.68
C ALA A 212 -9.45 -15.13 15.37
N ARG A 213 -10.37 -15.09 16.33
CA ARG A 213 -11.60 -14.32 16.17
C ARG A 213 -11.30 -12.84 15.90
N SER A 214 -10.18 -12.37 16.43
CA SER A 214 -9.65 -11.03 16.15
C SER A 214 -9.43 -10.72 14.67
N GLU A 215 -9.04 -11.72 13.90
CA GLU A 215 -8.61 -11.53 12.51
C GLU A 215 -9.55 -12.14 11.47
N MET A 216 -10.57 -12.86 11.91
CA MET A 216 -11.43 -13.61 10.98
C MET A 216 -12.27 -12.70 10.08
N ASP A 217 -12.59 -11.50 10.56
CA ASP A 217 -13.34 -10.52 9.77
C ASP A 217 -12.51 -9.86 8.64
N LYS A 218 -11.21 -10.16 8.61
CA LYS A 218 -10.28 -9.52 7.67
C LYS A 218 -9.67 -10.46 6.64
N VAL A 219 -9.99 -11.75 6.73
CA VAL A 219 -9.44 -12.75 5.83
C VAL A 219 -10.52 -13.73 5.41
N ARG A 220 -10.36 -14.32 4.23
CA ARG A 220 -11.18 -15.47 3.82
C ARG A 220 -10.29 -16.51 3.16
N VAL A 221 -10.52 -17.78 3.49
CA VAL A 221 -9.69 -18.88 3.00
C VAL A 221 -10.58 -19.91 2.30
N PHE A 222 -10.20 -20.26 1.07
CA PHE A 222 -10.92 -21.25 0.28
C PHE A 222 -10.07 -22.51 0.14
N GLN A 223 -10.73 -23.66 0.15
CA GLN A 223 -10.06 -24.95 -0.03
C GLN A 223 -10.10 -25.35 -1.50
N ALA A 224 -8.92 -25.56 -2.08
CA ALA A 224 -8.79 -26.01 -3.47
C ALA A 224 -8.56 -27.52 -3.52
N THR A 225 -7.59 -27.99 -2.73
CA THR A 225 -7.21 -29.41 -2.63
C THR A 225 -6.92 -30.03 -4.00
N CYS A 233 -13.73 -24.36 -5.65
CA CYS A 233 -13.32 -23.79 -4.37
C CYS A 233 -14.50 -23.63 -3.40
N SER A 234 -14.25 -23.92 -2.13
CA SER A 234 -15.25 -23.76 -1.08
C SER A 234 -14.61 -23.16 0.17
N VAL A 235 -15.30 -22.19 0.77
CA VAL A 235 -14.77 -21.46 1.93
C VAL A 235 -14.60 -22.37 3.16
N VAL A 236 -13.47 -22.23 3.83
CA VAL A 236 -13.20 -22.95 5.08
C VAL A 236 -13.03 -22.00 6.28
N LEU A 237 -12.41 -20.85 6.06
CA LEU A 237 -12.30 -19.80 7.08
C LEU A 237 -12.74 -18.45 6.53
N GLY A 238 -13.34 -17.64 7.39
CA GLY A 238 -13.84 -16.34 6.99
C GLY A 238 -14.51 -15.60 8.14
N PRO A 239 -15.16 -14.46 7.85
CA PRO A 239 -15.88 -13.68 8.85
C PRO A 239 -16.84 -14.50 9.73
N LYS A 240 -17.49 -15.51 9.15
CA LYS A 240 -18.41 -16.37 9.91
C LYS A 240 -17.71 -17.47 10.68
N TRP A 241 -16.71 -18.12 10.06
CA TRP A 241 -16.06 -19.31 10.63
C TRP A 241 -14.59 -19.07 10.97
N PRO A 242 -14.24 -19.10 12.27
CA PRO A 242 -12.83 -18.99 12.67
C PRO A 242 -12.04 -20.30 12.63
N SER A 243 -12.73 -21.43 12.50
CA SER A 243 -12.06 -22.74 12.45
C SER A 243 -12.84 -23.76 11.62
N HIS A 244 -12.13 -24.79 11.15
CA HIS A 244 -12.71 -25.79 10.27
C HIS A 244 -11.89 -27.09 10.32
N TYR A 245 -12.58 -28.20 10.54
CA TYR A 245 -11.95 -29.51 10.51
C TYR A 245 -11.57 -29.86 9.08
N LEU A 246 -10.32 -30.22 8.86
CA LEU A 246 -9.86 -30.62 7.53
C LEU A 246 -10.07 -32.11 7.32
N MET A 247 -10.60 -32.47 6.16
CA MET A 247 -10.74 -33.87 5.76
C MET A 247 -9.50 -34.26 4.96
N VAL A 248 -8.59 -34.98 5.62
CA VAL A 248 -7.30 -35.33 5.04
C VAL A 248 -7.08 -36.84 5.12
N PRO A 249 -6.74 -37.48 3.99
CA PRO A 249 -6.47 -38.91 4.00
C PRO A 249 -5.05 -39.20 4.48
N GLY A 250 -4.84 -40.41 5.02
CA GLY A 250 -3.51 -40.84 5.45
C GLY A 250 -2.57 -41.02 4.27
N GLY A 251 -1.29 -41.24 4.58
CA GLY A 251 -0.26 -41.36 3.56
C GLY A 251 0.25 -39.99 3.15
N LYS A 252 0.70 -39.86 1.91
CA LYS A 252 1.15 -38.59 1.37
C LYS A 252 -0.04 -37.81 0.80
N HIS A 253 -0.15 -36.54 1.20
CA HIS A 253 -1.24 -35.69 0.71
C HIS A 253 -0.83 -34.21 0.67
N ASN A 254 -1.38 -33.50 -0.32
CA ASN A 254 -1.15 -32.07 -0.49
C ASN A 254 -2.49 -31.36 -0.63
N MET A 255 -2.74 -30.41 0.25
CA MET A 255 -3.99 -29.66 0.27
C MET A 255 -3.72 -28.18 0.05
N ASP A 256 -4.12 -27.67 -1.12
CA ASP A 256 -3.91 -26.26 -1.46
C ASP A 256 -5.07 -25.40 -0.98
N PHE A 257 -4.72 -24.23 -0.43
CA PHE A 257 -5.70 -23.23 -0.03
C PHE A 257 -5.40 -21.92 -0.75
N TYR A 258 -6.44 -21.13 -0.99
CA TYR A 258 -6.29 -19.80 -1.55
C TYR A 258 -6.88 -18.79 -0.59
N VAL A 259 -6.09 -17.76 -0.28
CA VAL A 259 -6.41 -16.79 0.75
C VAL A 259 -6.56 -15.39 0.17
N GLU A 260 -7.57 -14.67 0.65
CA GLU A 260 -7.79 -13.27 0.27
C GLU A 260 -7.95 -12.41 1.52
N ALA A 261 -7.46 -11.18 1.46
CA ALA A 261 -7.67 -10.20 2.53
C ALA A 261 -8.94 -9.41 2.24
N LEU A 262 -9.61 -8.99 3.30
CA LEU A 262 -10.88 -8.23 3.19
C LEU A 262 -10.74 -6.79 3.68
N ALA A 263 -9.57 -6.42 4.19
CA ALA A 263 -9.36 -5.09 4.75
C ALA A 263 -7.91 -4.66 4.56
N PHE A 264 -7.73 -3.36 4.27
CA PHE A 264 -6.41 -2.77 4.22
C PHE A 264 -5.92 -2.51 5.64
N PRO A 265 -4.60 -2.37 5.83
CA PRO A 265 -4.09 -1.90 7.12
C PRO A 265 -4.75 -0.58 7.49
N ASP A 266 -5.07 -0.40 8.77
CA ASP A 266 -5.76 0.80 9.25
C ASP A 266 -5.47 1.02 10.75
N THR A 267 -6.13 2.02 11.35
CA THR A 267 -5.93 2.36 12.76
C THR A 267 -6.01 1.16 13.69
N ASP A 268 -7.03 0.33 13.50
CA ASP A 268 -7.28 -0.83 14.35
C ASP A 268 -6.90 -2.16 13.68
N PHE A 269 -6.01 -2.10 12.70
CA PHE A 269 -5.50 -3.29 12.02
C PHE A 269 -4.07 -3.06 11.52
N PRO A 270 -3.06 -3.49 12.31
CA PRO A 270 -1.65 -3.36 11.91
C PRO A 270 -1.34 -3.98 10.54
N GLY A 271 -2.12 -4.98 10.14
CA GLY A 271 -2.02 -5.55 8.79
C GLY A 271 -1.49 -6.96 8.73
N LEU A 272 -1.40 -7.63 9.89
CA LEU A 272 -0.93 -9.01 9.96
C LEU A 272 -2.08 -9.98 10.19
N ILE A 273 -2.06 -11.10 9.48
CA ILE A 273 -3.03 -12.16 9.62
C ILE A 273 -2.30 -13.48 9.82
N THR A 274 -2.58 -14.16 10.92
CA THR A 274 -1.96 -15.45 11.23
C THR A 274 -2.97 -16.59 10.98
N LEU A 275 -2.58 -17.56 10.18
CA LEU A 275 -3.36 -18.78 9.99
C LEU A 275 -2.61 -19.94 10.61
N THR A 276 -3.33 -20.79 11.33
CA THR A 276 -2.71 -21.85 12.11
C THR A 276 -3.36 -23.20 11.81
N ILE A 277 -2.52 -24.24 11.74
CA ILE A 277 -2.96 -25.62 11.67
C ILE A 277 -2.70 -26.26 13.03
N SER A 278 -3.67 -27.01 13.54
CA SER A 278 -3.51 -27.76 14.78
C SER A 278 -3.77 -29.24 14.55
N LEU A 279 -2.84 -30.08 15.02
CA LEU A 279 -3.03 -31.53 15.01
C LEU A 279 -3.68 -31.90 16.34
N LEU A 280 -4.83 -32.58 16.27
CA LEU A 280 -5.58 -32.95 17.46
C LEU A 280 -5.60 -34.47 17.67
N ASP A 281 -5.29 -34.91 18.89
CA ASP A 281 -5.42 -36.30 19.27
C ASP A 281 -6.88 -36.57 19.65
N THR A 282 -7.52 -37.44 18.88
CA THR A 282 -8.91 -37.83 19.13
C THR A 282 -8.99 -39.35 19.31
N SER A 283 -8.02 -39.90 20.06
CA SER A 283 -7.97 -41.34 20.34
C SER A 283 -9.01 -41.77 21.38
N ASN A 284 -9.38 -40.84 22.25
CA ASN A 284 -10.26 -41.13 23.38
C ASN A 284 -11.69 -40.66 23.10
N LEU A 285 -12.62 -41.61 23.01
CA LEU A 285 -14.00 -41.31 22.64
C LEU A 285 -14.80 -40.59 23.73
N GLU A 286 -14.33 -40.67 24.97
CA GLU A 286 -15.00 -39.98 26.09
C GLU A 286 -14.29 -38.68 26.51
N LEU A 287 -12.98 -38.58 26.29
CA LEU A 287 -12.23 -37.37 26.64
C LEU A 287 -12.27 -36.33 25.52
N PRO A 288 -12.09 -35.03 25.88
CA PRO A 288 -12.00 -34.00 24.84
C PRO A 288 -10.77 -34.16 23.96
N GLU A 289 -10.84 -33.58 22.76
CA GLU A 289 -9.69 -33.54 21.86
C GLU A 289 -8.52 -32.82 22.52
N ALA A 290 -7.30 -33.32 22.30
CA ALA A 290 -6.09 -32.74 22.87
C ALA A 290 -5.14 -32.31 21.75
N VAL A 291 -4.53 -31.14 21.90
CA VAL A 291 -3.66 -30.59 20.86
C VAL A 291 -2.27 -31.22 20.97
N VAL A 292 -1.78 -31.74 19.85
CA VAL A 292 -0.48 -32.40 19.78
C VAL A 292 0.59 -31.47 19.19
N PHE A 293 0.18 -30.62 18.25
CA PHE A 293 1.11 -29.83 17.47
C PHE A 293 0.38 -28.67 16.79
N GLN A 294 0.99 -27.49 16.84
CA GLN A 294 0.49 -26.32 16.12
C GLN A 294 1.61 -25.71 15.28
N ASP A 295 1.27 -25.28 14.08
CA ASP A 295 2.19 -24.50 13.23
C ASP A 295 1.40 -23.41 12.51
N SER A 296 2.08 -22.31 12.19
CA SER A 296 1.42 -21.13 11.65
C SER A 296 2.14 -20.52 10.45
N VAL A 297 1.38 -19.75 9.67
CA VAL A 297 1.95 -18.84 8.67
C VAL A 297 1.40 -17.44 8.95
N VAL A 298 2.29 -16.45 8.95
CA VAL A 298 1.89 -15.06 9.18
C VAL A 298 1.90 -14.31 7.85
N PHE A 299 0.74 -13.75 7.49
CA PHE A 299 0.60 -12.95 6.28
C PHE A 299 0.58 -11.46 6.65
N ARG A 300 1.20 -10.64 5.81
CA ARG A 300 1.00 -9.19 5.90
C ARG A 300 0.15 -8.73 4.73
N VAL A 301 -0.88 -7.93 5.03
CA VAL A 301 -1.76 -7.39 4.00
C VAL A 301 -1.04 -6.25 3.29
N ALA A 302 -1.03 -6.30 1.96
CA ALA A 302 -0.33 -5.31 1.14
C ALA A 302 -0.95 -3.92 1.29
N PRO A 303 -0.12 -2.89 1.47
CA PRO A 303 -0.63 -1.53 1.62
C PRO A 303 -1.05 -0.92 0.29
N TRP A 304 -1.91 0.10 0.35
CA TRP A 304 -2.23 0.91 -0.81
C TRP A 304 -1.10 1.92 -1.01
N ILE A 305 -0.61 2.01 -2.24
CA ILE A 305 0.60 2.78 -2.56
C ILE A 305 0.33 3.75 -3.71
N MET A 306 0.72 5.00 -3.53
CA MET A 306 0.56 6.03 -4.57
C MET A 306 1.78 6.10 -5.49
N THR A 307 1.59 6.75 -6.64
CA THR A 307 2.65 6.92 -7.64
C THR A 307 2.87 8.41 -7.96
N PRO A 308 4.09 8.91 -7.73
CA PRO A 308 4.42 10.31 -8.00
C PRO A 308 4.49 10.62 -9.49
N ASN A 309 4.60 11.91 -9.81
CA ASN A 309 4.63 12.38 -11.19
C ASN A 309 5.85 11.89 -11.98
N THR A 310 6.90 11.46 -11.27
CA THR A 310 8.12 10.96 -11.91
C THR A 310 7.99 9.51 -12.39
N GLN A 311 6.90 8.85 -12.05
CA GLN A 311 6.61 7.52 -12.57
C GLN A 311 5.93 7.63 -13.93
N PRO A 312 6.35 6.80 -14.91
CA PRO A 312 5.80 6.90 -16.27
C PRO A 312 4.28 6.73 -16.30
N PRO A 313 3.58 7.61 -17.04
CA PRO A 313 2.13 7.56 -17.12
C PRO A 313 1.64 6.42 -18.02
N GLN A 314 0.48 5.86 -17.69
CA GLN A 314 -0.12 4.77 -18.46
C GLN A 314 -1.52 5.11 -18.98
N GLU A 315 -2.26 5.93 -18.24
CA GLU A 315 -3.63 6.27 -18.60
C GLU A 315 -4.02 7.63 -18.04
N VAL A 316 -4.65 8.46 -18.87
CA VAL A 316 -5.06 9.81 -18.48
C VAL A 316 -6.58 9.89 -18.40
N TYR A 317 -7.08 10.66 -17.43
CA TYR A 317 -8.52 10.82 -17.21
C TYR A 317 -8.91 12.29 -17.32
N ALA A 318 -10.11 12.54 -17.82
CA ALA A 318 -10.65 13.89 -17.91
C ALA A 318 -12.17 13.88 -18.11
N CYS A 319 -12.77 15.06 -18.06
CA CYS A 319 -14.22 15.22 -18.25
C CYS A 319 -14.53 16.02 -19.51
N SER A 320 -15.65 15.69 -20.16
CA SER A 320 -16.19 16.51 -21.24
C SER A 320 -17.38 17.29 -20.66
N ILE A 321 -17.33 18.61 -20.75
CA ILE A 321 -18.31 19.44 -20.07
C ILE A 321 -18.76 20.57 -20.99
N PHE A 322 -19.20 21.67 -20.39
CA PHE A 322 -19.50 22.90 -21.12
C PHE A 322 -18.44 23.08 -22.19
N GLU A 323 -18.66 24.03 -23.07
CA GLU A 323 -17.70 24.32 -24.11
C GLU A 323 -16.25 24.12 -23.65
N ASN A 324 -15.75 22.88 -23.67
CA ASN A 324 -14.35 22.61 -23.33
C ASN A 324 -13.65 21.65 -24.30
N GLU A 325 -14.10 21.64 -25.53
CA GLU A 325 -13.63 20.73 -26.56
C GLU A 325 -12.17 20.94 -26.90
N ASP A 326 -11.76 22.19 -26.95
CA ASP A 326 -10.36 22.54 -27.29
C ASP A 326 -9.40 22.17 -26.16
N PHE A 327 -9.88 22.26 -24.92
CA PHE A 327 -9.11 21.78 -23.76
C PHE A 327 -8.85 20.28 -23.89
N LEU A 328 -9.88 19.52 -24.23
CA LEU A 328 -9.77 18.07 -24.39
C LEU A 328 -8.92 17.66 -25.59
N LYS A 329 -8.88 18.51 -26.63
CA LYS A 329 -8.00 18.27 -27.77
C LYS A 329 -6.53 18.30 -27.34
N SER A 330 -6.16 19.35 -26.61
CA SER A 330 -4.79 19.53 -26.13
C SER A 330 -4.33 18.38 -25.23
N VAL A 331 -5.19 17.97 -24.31
CA VAL A 331 -4.90 16.84 -23.42
C VAL A 331 -4.81 15.52 -24.21
N THR A 332 -5.72 15.33 -25.17
CA THR A 332 -5.71 14.13 -26.02
C THR A 332 -4.40 14.01 -26.80
N THR A 333 -3.95 15.13 -27.37
CA THR A 333 -2.67 15.17 -28.09
C THR A 333 -1.49 14.87 -27.16
N LEU A 334 -1.54 15.43 -25.95
CA LEU A 334 -0.52 15.19 -24.94
C LEU A 334 -0.48 13.72 -24.52
N ALA A 335 -1.67 13.12 -24.37
CA ALA A 335 -1.78 11.70 -24.02
C ALA A 335 -1.25 10.81 -25.14
N MET A 336 -1.50 11.20 -26.39
CA MET A 336 -0.98 10.49 -27.56
C MET A 336 0.55 10.56 -27.61
N LYS A 337 1.11 11.73 -27.33
CA LYS A 337 2.56 11.92 -27.32
C LYS A 337 3.25 11.07 -26.25
N ALA A 338 2.62 10.97 -25.09
CA ALA A 338 3.14 10.14 -23.99
C ALA A 338 2.73 8.67 -24.10
N LYS A 339 2.06 8.30 -25.20
CA LYS A 339 1.59 6.95 -25.45
C LYS A 339 0.77 6.39 -24.29
N CYS A 340 -0.25 7.14 -23.88
CA CYS A 340 -1.13 6.75 -22.78
C CYS A 340 -2.54 6.45 -23.29
N LYS A 341 -3.19 5.50 -22.62
CA LYS A 341 -4.62 5.25 -22.81
C LYS A 341 -5.38 6.48 -22.31
N LEU A 342 -6.50 6.79 -22.95
CA LEU A 342 -7.27 7.99 -22.62
C LEU A 342 -8.71 7.63 -22.28
N THR A 343 -9.18 8.09 -21.12
CA THR A 343 -10.53 7.85 -20.66
C THR A 343 -11.22 9.18 -20.32
N ILE A 344 -12.37 9.41 -20.95
CA ILE A 344 -13.12 10.65 -20.76
C ILE A 344 -14.49 10.36 -20.17
N CYS A 345 -14.81 10.99 -19.05
CA CYS A 345 -16.11 10.88 -18.43
C CYS A 345 -17.07 11.89 -19.08
N PRO A 346 -18.17 11.40 -19.69
CA PRO A 346 -19.06 12.30 -20.41
C PRO A 346 -19.99 13.09 -19.50
N GLU A 347 -20.57 14.17 -20.03
CA GLU A 347 -21.47 15.06 -19.28
C GLU A 347 -22.65 14.32 -18.61
N GLU A 348 -23.12 13.25 -19.25
CA GLU A 348 -24.25 12.46 -18.75
C GLU A 348 -23.90 11.79 -17.41
N GLU A 349 -22.64 11.42 -17.24
CA GLU A 349 -22.15 10.80 -16.01
C GLU A 349 -21.53 11.83 -15.06
N ASN A 350 -20.93 12.88 -15.61
CA ASN A 350 -20.30 13.96 -14.84
C ASN A 350 -21.22 14.66 -13.85
N MET A 351 -22.46 14.92 -14.27
CA MET A 351 -23.36 15.86 -13.58
C MET A 351 -22.68 17.24 -13.46
N ASP A 352 -22.00 17.63 -14.54
CA ASP A 352 -21.28 18.91 -14.64
C ASP A 352 -20.10 19.08 -13.67
N ASP A 353 -19.56 17.96 -13.19
CA ASP A 353 -18.38 17.96 -12.33
C ASP A 353 -17.13 17.71 -13.17
N GLN A 354 -16.33 18.76 -13.36
CA GLN A 354 -15.17 18.72 -14.25
C GLN A 354 -13.85 18.36 -13.55
N TRP A 355 -13.88 18.22 -12.23
CA TRP A 355 -12.65 18.11 -11.44
C TRP A 355 -12.24 16.66 -11.23
N MET A 356 -11.65 16.08 -12.29
CA MET A 356 -11.25 14.68 -12.32
C MET A 356 -10.13 14.36 -11.33
N GLN A 357 -9.36 15.39 -10.97
CA GLN A 357 -8.30 15.26 -9.96
C GLN A 357 -8.84 14.94 -8.57
N ASP A 358 -10.02 15.46 -8.27
CA ASP A 358 -10.46 15.59 -6.88
C ASP A 358 -11.22 14.39 -6.31
N GLU A 359 -11.94 13.67 -7.15
CA GLU A 359 -12.79 12.57 -6.68
C GLU A 359 -12.00 11.29 -6.39
N MET A 360 -10.83 11.12 -7.02
CA MET A 360 -10.07 9.89 -6.87
C MET A 360 -8.56 10.05 -6.95
N GLU A 361 -7.86 9.04 -6.45
CA GLU A 361 -6.41 8.91 -6.55
C GLU A 361 -6.11 7.48 -6.98
N ILE A 362 -5.33 7.33 -8.04
CA ILE A 362 -5.03 6.00 -8.57
C ILE A 362 -3.68 5.52 -8.03
N GLY A 363 -3.73 4.50 -7.17
CA GLY A 363 -2.54 3.90 -6.60
C GLY A 363 -2.42 2.45 -7.06
N TYR A 364 -1.76 1.63 -6.25
CA TYR A 364 -1.68 0.20 -6.53
C TYR A 364 -1.44 -0.63 -5.27
N ILE A 365 -1.65 -1.94 -5.42
CA ILE A 365 -1.26 -2.93 -4.41
C ILE A 365 -0.38 -3.97 -5.09
N GLN A 366 0.55 -4.54 -4.33
CA GLN A 366 1.65 -5.31 -4.89
C GLN A 366 2.00 -6.53 -4.04
N ALA A 367 2.02 -7.69 -4.69
CA ALA A 367 2.52 -8.92 -4.09
C ALA A 367 3.42 -9.63 -5.10
N PRO A 368 4.26 -10.59 -4.65
CA PRO A 368 5.14 -11.31 -5.56
C PRO A 368 4.40 -11.98 -6.73
N HIS A 369 3.17 -12.41 -6.48
CA HIS A 369 2.37 -13.14 -7.47
C HIS A 369 1.42 -12.26 -8.29
N LYS A 370 1.13 -11.06 -7.80
CA LYS A 370 0.16 -10.19 -8.46
C LYS A 370 0.30 -8.72 -8.06
N THR A 371 0.22 -7.84 -9.06
CA THR A 371 0.20 -6.39 -8.86
C THR A 371 -0.98 -5.83 -9.66
N LEU A 372 -1.79 -4.99 -9.03
CA LEU A 372 -2.90 -4.33 -9.73
C LEU A 372 -3.11 -2.90 -9.25
N PRO A 373 -3.59 -2.03 -10.16
CA PRO A 373 -3.94 -0.67 -9.75
C PRO A 373 -5.18 -0.66 -8.87
N VAL A 374 -5.24 0.31 -7.95
CA VAL A 374 -6.34 0.41 -7.00
C VAL A 374 -6.73 1.87 -6.84
N VAL A 375 -8.02 2.17 -7.02
CA VAL A 375 -8.52 3.54 -6.94
C VAL A 375 -8.95 3.87 -5.53
N PHE A 376 -8.35 4.93 -4.98
CA PHE A 376 -8.79 5.47 -3.71
C PHE A 376 -9.85 6.52 -4.01
N ASP A 377 -11.08 6.22 -3.62
CA ASP A 377 -12.23 7.06 -3.90
C ASP A 377 -12.42 8.06 -2.75
N SER A 378 -12.37 9.35 -3.08
CA SER A 378 -12.50 10.41 -2.08
C SER A 378 -13.96 10.53 -1.62
N PRO A 379 -14.16 10.85 -0.33
CA PRO A 379 -15.52 11.04 0.18
C PRO A 379 -16.21 12.35 -0.24
N ARG A 380 -15.55 13.19 -1.04
CA ARG A 380 -16.16 14.47 -1.45
C ARG A 380 -17.49 14.27 -2.18
N ASN A 381 -17.63 13.15 -2.90
CA ASN A 381 -18.90 12.71 -3.47
C ASN A 381 -19.67 13.81 -4.20
N ARG A 382 -18.99 14.48 -5.13
CA ARG A 382 -19.61 15.51 -5.94
C ARG A 382 -20.23 14.84 -7.19
N GLY A 383 -20.34 15.56 -8.29
CA GLY A 383 -20.92 14.99 -9.52
C GLY A 383 -20.23 13.73 -10.03
N LEU A 384 -18.93 13.62 -9.82
CA LEU A 384 -18.15 12.43 -10.23
C LEU A 384 -18.29 11.26 -9.25
N LYS A 385 -19.17 11.37 -8.26
CA LYS A 385 -19.35 10.34 -7.21
C LYS A 385 -19.24 8.90 -7.72
N GLU A 386 -19.92 8.61 -8.82
CA GLU A 386 -20.05 7.23 -9.32
C GLU A 386 -18.90 6.75 -10.22
N PHE A 387 -18.11 7.67 -10.76
CA PHE A 387 -17.07 7.33 -11.74
C PHE A 387 -16.08 6.27 -11.26
N PRO A 388 -15.56 6.40 -10.02
CA PRO A 388 -14.65 5.37 -9.51
C PRO A 388 -15.31 4.00 -9.35
N ILE A 389 -16.59 4.00 -9.00
CA ILE A 389 -17.34 2.76 -8.77
C ILE A 389 -17.75 2.08 -10.08
N LYS A 390 -18.28 2.86 -11.02
CA LYS A 390 -18.92 2.29 -12.21
C LYS A 390 -17.96 1.70 -13.26
N ARG A 391 -16.97 2.47 -13.70
CA ARG A 391 -16.01 1.98 -14.70
C ARG A 391 -14.56 2.44 -14.52
N VAL A 392 -14.15 2.63 -13.26
CA VAL A 392 -12.73 2.65 -12.92
C VAL A 392 -12.41 1.35 -12.21
N MET A 393 -13.19 1.05 -11.17
CA MET A 393 -13.19 -0.27 -10.55
C MET A 393 -13.61 -1.32 -11.59
N GLY A 394 -12.91 -2.45 -11.60
CA GLY A 394 -13.21 -3.52 -12.56
C GLY A 394 -12.18 -4.64 -12.54
N PRO A 395 -12.10 -5.42 -13.63
CA PRO A 395 -11.11 -6.50 -13.76
C PRO A 395 -9.67 -6.00 -13.59
N ASP A 396 -9.00 -6.49 -12.55
CA ASP A 396 -7.64 -6.06 -12.20
C ASP A 396 -7.54 -4.54 -11.94
N PHE A 397 -8.61 -3.96 -11.42
CA PHE A 397 -8.61 -2.58 -10.96
C PHE A 397 -9.36 -2.49 -9.63
N GLY A 398 -8.61 -2.37 -8.55
CA GLY A 398 -9.17 -2.38 -7.20
C GLY A 398 -9.89 -1.11 -6.79
N TYR A 399 -10.61 -1.20 -5.67
CA TYR A 399 -11.35 -0.06 -5.13
C TYR A 399 -11.20 0.03 -3.61
N VAL A 400 -11.00 1.24 -3.11
CA VAL A 400 -11.04 1.52 -1.68
C VAL A 400 -11.58 2.93 -1.44
N THR A 401 -12.30 3.10 -0.34
CA THR A 401 -12.80 4.42 0.06
C THR A 401 -12.76 4.57 1.58
N ARG A 402 -12.75 5.82 2.04
CA ARG A 402 -12.69 6.12 3.47
C ARG A 402 -13.44 7.40 3.81
N GLY A 403 -13.79 7.55 5.08
CA GLY A 403 -14.45 8.75 5.58
C GLY A 403 -15.96 8.68 5.46
N PRO A 404 -16.66 9.67 6.05
CA PRO A 404 -18.12 9.70 6.00
C PRO A 404 -18.62 10.08 4.60
N GLN A 405 -19.62 9.33 4.12
CA GLN A 405 -20.04 9.42 2.72
C GLN A 405 -21.20 10.39 2.46
N THR A 406 -21.98 10.71 3.50
CA THR A 406 -23.16 11.57 3.34
C THR A 406 -22.95 13.03 3.79
N GLY A 407 -21.81 13.31 4.40
CA GLY A 407 -21.49 14.67 4.84
C GLY A 407 -20.29 14.72 5.76
N GLY A 408 -20.08 15.85 6.43
CA GLY A 408 -18.96 16.03 7.36
C GLY A 408 -17.62 16.06 6.65
N ILE A 409 -17.57 16.73 5.50
CA ILE A 409 -16.39 16.76 4.63
C ILE A 409 -15.95 18.20 4.35
N SER A 410 -14.71 18.36 3.93
CA SER A 410 -14.17 19.66 3.53
C SER A 410 -13.49 19.59 2.17
N GLY A 411 -13.13 20.74 1.63
CA GLY A 411 -12.39 20.82 0.38
C GLY A 411 -11.04 20.14 0.43
N LEU A 412 -10.45 20.05 1.62
CA LEU A 412 -9.15 19.39 1.80
C LEU A 412 -9.24 17.85 1.70
N ASP A 413 -10.45 17.31 1.59
CA ASP A 413 -10.66 15.89 1.30
C ASP A 413 -10.67 15.58 -0.20
N SER A 414 -10.69 16.63 -1.02
CA SER A 414 -10.53 16.47 -2.47
C SER A 414 -9.08 16.10 -2.75
N PHE A 415 -8.87 15.15 -3.66
CA PHE A 415 -7.54 14.53 -3.81
C PHE A 415 -6.56 15.30 -4.70
N GLY A 416 -6.92 16.53 -5.07
CA GLY A 416 -5.92 17.51 -5.48
C GLY A 416 -5.04 17.88 -4.29
N ASN A 417 -5.58 17.65 -3.09
CA ASN A 417 -4.85 17.82 -1.83
C ASN A 417 -4.09 16.56 -1.39
N LEU A 418 -3.96 15.58 -2.28
CA LEU A 418 -3.25 14.34 -1.97
C LEU A 418 -2.24 14.03 -3.08
N GLU A 419 -0.96 14.06 -2.73
CA GLU A 419 0.13 13.87 -3.68
C GLU A 419 1.22 13.01 -3.05
N VAL A 420 2.26 12.69 -3.84
CA VAL A 420 3.42 11.94 -3.34
C VAL A 420 4.69 12.48 -3.96
N SER A 421 5.77 12.49 -3.17
CA SER A 421 7.08 12.86 -3.68
C SER A 421 7.67 11.68 -4.46
N PRO A 422 8.72 11.95 -5.26
CA PRO A 422 9.51 10.84 -5.81
C PRO A 422 10.33 10.17 -4.70
N PRO A 423 11.00 9.05 -5.03
CA PRO A 423 11.87 8.42 -4.04
C PRO A 423 12.93 9.39 -3.50
N VAL A 424 13.12 9.40 -2.19
CA VAL A 424 14.11 10.28 -1.56
C VAL A 424 14.77 9.62 -0.37
N THR A 425 15.94 10.11 0.00
CA THR A 425 16.65 9.66 1.19
C THR A 425 16.90 10.87 2.09
N VAL A 426 16.34 10.81 3.30
CA VAL A 426 16.39 11.94 4.23
C VAL A 426 17.33 11.63 5.41
N ARG A 427 18.54 12.18 5.36
CA ARG A 427 19.54 11.98 6.41
C ARG A 427 19.69 10.50 6.78
N GLY A 428 19.96 9.67 5.77
CA GLY A 428 20.21 8.24 5.97
C GLY A 428 19.03 7.34 5.68
N LYS A 429 17.83 7.76 6.10
CA LYS A 429 16.64 6.94 5.95
C LYS A 429 16.08 6.99 4.53
N GLU A 430 15.99 5.82 3.89
CA GLU A 430 15.46 5.73 2.54
C GLU A 430 13.94 5.74 2.54
N TYR A 431 13.37 6.46 1.58
CA TYR A 431 11.95 6.37 1.27
C TYR A 431 11.85 6.01 -0.21
N PRO A 432 12.08 4.74 -0.55
CA PRO A 432 12.18 4.33 -1.96
C PRO A 432 10.87 4.39 -2.74
N LEU A 433 9.74 4.61 -2.06
CA LEU A 433 8.46 4.83 -2.71
C LEU A 433 7.99 6.28 -2.54
N GLY A 434 8.88 7.13 -2.05
CA GLY A 434 8.55 8.53 -1.79
C GLY A 434 7.73 8.71 -0.52
N ARG A 435 7.19 9.92 -0.37
CA ARG A 435 6.47 10.31 0.83
C ARG A 435 5.18 10.99 0.43
N ILE A 436 4.06 10.50 0.95
CA ILE A 436 2.78 11.14 0.69
C ILE A 436 2.79 12.55 1.27
N LEU A 437 2.19 13.48 0.53
CA LEU A 437 2.07 14.87 0.91
C LEU A 437 0.59 15.21 0.89
N PHE A 438 0.10 15.81 1.97
CA PHE A 438 -1.26 16.36 1.97
C PHE A 438 -1.31 17.65 2.78
N GLY A 439 -2.22 18.54 2.40
CA GLY A 439 -2.29 19.88 2.97
C GLY A 439 -3.14 19.97 4.22
N ASP A 440 -2.75 20.89 5.10
CA ASP A 440 -3.43 21.11 6.38
C ASP A 440 -3.32 22.59 6.72
N SER A 441 -3.78 22.97 7.91
CA SER A 441 -3.47 24.28 8.47
C SER A 441 -2.19 24.15 9.30
N CYS A 442 -1.65 25.27 9.78
CA CYS A 442 -0.47 25.24 10.65
C CYS A 442 -0.86 24.91 12.10
N TYR A 443 -2.07 25.28 12.48
CA TYR A 443 -2.64 24.82 13.74
C TYR A 443 -4.18 24.82 13.63
N PRO A 444 -4.86 24.01 14.45
CA PRO A 444 -6.31 23.91 14.34
C PRO A 444 -7.05 25.05 15.05
N SER A 445 -7.94 25.72 14.32
CA SER A 445 -8.81 26.77 14.89
C SER A 445 -10.24 26.58 14.40
N ASN A 446 -11.14 27.43 14.87
CA ASN A 446 -12.55 27.36 14.48
C ASN A 446 -12.79 27.54 12.98
N ASP A 447 -11.91 28.31 12.33
CA ASP A 447 -12.04 28.59 10.90
C ASP A 447 -11.13 27.72 10.01
N SER A 448 -10.28 26.90 10.63
CA SER A 448 -9.31 26.09 9.86
C SER A 448 -9.90 24.78 9.37
N ARG A 449 -9.38 24.30 8.24
CA ARG A 449 -9.84 23.06 7.62
C ARG A 449 -8.74 22.00 7.68
N GLN A 450 -9.16 20.74 7.63
CA GLN A 450 -8.24 19.61 7.55
C GLN A 450 -8.84 18.50 6.69
N MET A 451 -7.98 17.65 6.15
CA MET A 451 -8.41 16.38 5.57
C MET A 451 -8.95 15.53 6.71
N HIS A 452 -10.03 14.81 6.46
CA HIS A 452 -10.70 14.03 7.49
C HIS A 452 -9.73 13.03 8.11
N GLN A 453 -9.83 12.86 9.43
CA GLN A 453 -8.88 12.04 10.16
C GLN A 453 -8.89 10.58 9.70
N ALA A 454 -10.04 10.07 9.29
CA ALA A 454 -10.16 8.73 8.74
C ALA A 454 -9.27 8.54 7.50
N LEU A 455 -9.19 9.56 6.65
CA LEU A 455 -8.29 9.53 5.49
C LEU A 455 -6.84 9.61 5.93
N GLN A 456 -6.55 10.54 6.85
CA GLN A 456 -5.20 10.70 7.38
C GLN A 456 -4.68 9.41 8.01
N ASP A 457 -5.51 8.81 8.86
CA ASP A 457 -5.17 7.56 9.55
C ASP A 457 -4.90 6.41 8.60
N PHE A 458 -5.75 6.27 7.59
CA PHE A 458 -5.56 5.25 6.55
C PHE A 458 -4.21 5.41 5.85
N LEU A 459 -3.93 6.64 5.40
CA LEU A 459 -2.66 6.93 4.70
C LEU A 459 -1.45 6.61 5.58
N SER A 460 -1.50 7.01 6.85
CA SER A 460 -0.44 6.70 7.81
C SER A 460 -0.30 5.19 8.05
N ALA A 461 -1.43 4.49 8.10
CA ALA A 461 -1.43 3.05 8.37
C ALA A 461 -0.85 2.22 7.23
N GLN A 462 -0.80 2.79 6.03
CA GLN A 462 -0.13 2.14 4.90
C GLN A 462 1.38 2.11 5.14
N GLN A 463 1.87 3.04 5.97
CA GLN A 463 3.25 3.03 6.51
C GLN A 463 4.36 3.34 5.48
N VAL A 464 4.20 2.78 4.30
CA VAL A 464 5.27 2.68 3.31
C VAL A 464 5.62 4.00 2.61
N GLN A 465 4.73 4.99 2.70
CA GLN A 465 4.98 6.34 2.17
C GLN A 465 4.75 7.42 3.24
N ALA A 466 5.13 7.09 4.49
CA ALA A 466 5.10 7.99 5.66
C ALA A 466 4.63 9.43 5.39
N PRO A 467 3.30 9.68 5.50
CA PRO A 467 2.75 10.98 5.12
C PRO A 467 3.39 12.20 5.80
N VAL A 468 3.49 13.29 5.05
CA VAL A 468 3.97 14.58 5.54
C VAL A 468 2.86 15.62 5.40
N LYS A 469 2.50 16.27 6.51
CA LYS A 469 1.52 17.35 6.51
C LYS A 469 2.16 18.63 5.98
N LEU A 470 1.57 19.20 4.93
CA LEU A 470 1.97 20.50 4.42
C LEU A 470 0.92 21.55 4.79
N TYR A 471 1.25 22.83 4.55
CA TYR A 471 0.36 23.95 4.84
C TYR A 471 -0.31 24.45 3.56
N SER A 472 -1.57 24.09 3.36
CA SER A 472 -2.33 24.49 2.17
C SER A 472 -3.60 25.29 2.50
N ASP A 473 -3.94 25.41 3.77
CA ASP A 473 -5.23 25.99 4.17
C ASP A 473 -5.34 27.49 3.88
N TRP A 474 -4.20 28.14 3.65
CA TRP A 474 -4.16 29.54 3.20
C TRP A 474 -4.74 29.75 1.79
N LEU A 475 -4.83 28.67 1.01
CA LEU A 475 -5.50 28.72 -0.31
C LEU A 475 -7.00 28.62 -0.13
N SER A 476 -7.75 29.25 -1.04
CA SER A 476 -9.22 29.21 -0.99
C SER A 476 -9.69 27.78 -1.18
N VAL A 477 -9.20 27.13 -2.22
CA VAL A 477 -9.51 25.73 -2.48
C VAL A 477 -8.78 24.83 -1.47
N GLY A 478 -7.50 25.10 -1.28
CA GLY A 478 -6.74 24.51 -0.17
C GLY A 478 -5.99 23.24 -0.49
N HIS A 479 -5.47 23.15 -1.72
CA HIS A 479 -4.85 21.91 -2.21
C HIS A 479 -3.36 22.09 -2.43
N VAL A 480 -2.56 21.09 -2.04
CA VAL A 480 -1.11 21.15 -2.24
C VAL A 480 -0.70 21.26 -3.72
N ASP A 481 -1.52 20.74 -4.63
CA ASP A 481 -1.24 20.84 -6.07
C ASP A 481 -1.38 22.28 -6.61
N GLU A 482 -1.96 23.17 -5.81
CA GLU A 482 -2.02 24.59 -6.15
C GLU A 482 -0.70 25.34 -6.00
N PHE A 483 0.25 24.80 -5.25
CA PHE A 483 1.55 25.46 -5.08
C PHE A 483 2.78 24.60 -5.35
N LEU A 484 2.59 23.30 -5.57
CA LEU A 484 3.73 22.44 -5.91
C LEU A 484 3.43 21.42 -6.99
N SER A 485 4.49 20.95 -7.63
CA SER A 485 4.43 19.81 -8.53
C SER A 485 5.82 19.19 -8.59
N PHE A 486 5.92 17.98 -9.12
CA PHE A 486 7.20 17.34 -9.36
C PHE A 486 7.29 16.99 -10.84
N VAL A 487 8.50 17.09 -11.40
CA VAL A 487 8.74 16.73 -12.79
C VAL A 487 10.00 15.88 -12.90
N PRO A 488 10.08 15.00 -13.91
CA PRO A 488 11.31 14.23 -14.11
C PRO A 488 12.50 15.12 -14.48
N ALA A 489 13.70 14.63 -14.21
CA ALA A 489 14.94 15.32 -14.57
C ALA A 489 16.03 14.29 -14.85
N PRO A 490 16.94 14.59 -15.80
CA PRO A 490 17.97 13.61 -16.18
C PRO A 490 19.17 13.56 -15.23
N ASP A 491 19.25 14.48 -14.28
CA ASP A 491 20.39 14.58 -13.36
C ASP A 491 19.92 14.62 -11.90
N ARG A 492 20.87 14.85 -10.99
CA ARG A 492 20.57 15.00 -9.56
C ARG A 492 19.85 13.75 -9.03
N LYS A 493 18.69 13.93 -8.42
CA LYS A 493 17.93 12.83 -7.83
C LYS A 493 16.86 12.28 -8.78
N GLY A 494 16.90 12.73 -10.03
CA GLY A 494 15.96 12.28 -11.06
C GLY A 494 14.69 13.12 -11.12
N PHE A 495 14.69 14.28 -10.48
CA PHE A 495 13.52 15.14 -10.47
C PHE A 495 13.83 16.57 -10.07
N ARG A 496 12.82 17.42 -10.21
CA ARG A 496 12.85 18.76 -9.65
C ARG A 496 11.52 19.02 -8.95
N LEU A 497 11.59 19.67 -7.79
CA LEU A 497 10.40 20.19 -7.13
C LEU A 497 10.10 21.55 -7.77
N LEU A 498 8.91 21.69 -8.33
CA LEU A 498 8.44 22.98 -8.83
C LEU A 498 7.58 23.62 -7.74
N LEU A 499 7.85 24.88 -7.43
CA LEU A 499 7.03 25.66 -6.50
C LEU A 499 6.56 26.95 -7.16
N ALA A 500 5.30 27.30 -6.95
CA ALA A 500 4.78 28.59 -7.37
C ALA A 500 5.52 29.69 -6.62
N SER A 501 5.84 30.79 -7.32
CA SER A 501 6.72 31.82 -6.78
C SER A 501 6.33 33.22 -7.23
N PRO A 502 5.72 34.00 -6.34
CA PRO A 502 5.51 35.42 -6.59
C PRO A 502 6.83 36.17 -6.82
N ARG A 503 7.83 35.87 -6.00
CA ARG A 503 9.17 36.46 -6.12
C ARG A 503 9.67 36.44 -7.57
N SER A 504 9.59 35.26 -8.18
CA SER A 504 10.07 35.06 -9.55
C SER A 504 9.31 35.89 -10.57
N CYS A 505 8.00 36.05 -10.37
CA CYS A 505 7.16 36.79 -11.28
C CYS A 505 7.40 38.30 -11.18
N TYR A 506 7.52 38.80 -9.95
CA TYR A 506 7.89 40.20 -9.73
C TYR A 506 9.26 40.50 -10.34
N LYS A 507 10.21 39.58 -10.14
CA LYS A 507 11.53 39.70 -10.74
C LYS A 507 11.43 39.72 -12.27
N LEU A 508 10.64 38.82 -12.84
CA LEU A 508 10.42 38.75 -14.30
C LEU A 508 9.85 40.08 -14.82
N PHE A 509 8.76 40.52 -14.21
CA PHE A 509 8.06 41.75 -14.63
C PHE A 509 8.91 43.00 -14.45
N GLN A 510 9.71 43.04 -13.40
CA GLN A 510 10.62 44.16 -13.15
C GLN A 510 11.73 44.21 -14.19
N GLU A 511 12.25 43.04 -14.59
CA GLU A 511 13.24 42.95 -15.66
C GLU A 511 12.69 43.46 -16.99
N GLN A 512 11.44 43.13 -17.28
CA GLN A 512 10.78 43.58 -18.52
C GLN A 512 10.58 45.09 -18.50
N GLN A 513 10.18 45.65 -17.36
CA GLN A 513 10.02 47.10 -17.20
C GLN A 513 11.36 47.82 -17.32
N ASN A 514 12.41 47.24 -16.73
CA ASN A 514 13.76 47.80 -16.83
C ASN A 514 14.26 47.82 -18.28
N GLU A 515 13.80 46.85 -19.08
CA GLU A 515 14.17 46.76 -20.49
C GLU A 515 13.20 47.55 -21.40
N GLY A 516 12.20 48.19 -20.78
CA GLY A 516 11.34 49.16 -21.46
C GLY A 516 9.96 48.67 -21.87
N HIS A 517 9.49 47.58 -21.27
CA HIS A 517 8.20 47.00 -21.63
C HIS A 517 7.12 47.21 -20.56
N GLY A 518 7.14 48.37 -19.91
CA GLY A 518 6.19 48.69 -18.84
C GLY A 518 4.73 48.69 -19.27
N GLU A 519 4.48 49.02 -20.53
CA GLU A 519 3.12 49.02 -21.08
C GLU A 519 2.59 47.63 -21.43
N ALA A 520 3.48 46.64 -21.51
CA ALA A 520 3.10 45.27 -21.86
C ALA A 520 1.92 44.78 -21.01
N LEU A 521 0.96 44.13 -21.66
CA LEU A 521 -0.34 43.85 -21.06
C LEU A 521 -0.51 42.41 -20.59
N LEU A 522 -0.78 42.24 -19.29
CA LEU A 522 -1.19 40.95 -18.75
C LEU A 522 -2.61 40.71 -19.25
N PHE A 523 -2.89 39.47 -19.65
CA PHE A 523 -4.21 39.06 -20.19
C PHE A 523 -4.40 39.51 -21.65
N GLU A 524 -3.30 39.69 -22.36
CA GLU A 524 -3.35 39.94 -23.81
C GLU A 524 -3.84 38.67 -24.51
N GLY A 525 -4.81 38.83 -25.40
CA GLY A 525 -5.45 37.69 -26.06
C GLY A 525 -6.82 37.35 -25.50
N ILE A 526 -7.11 37.82 -24.29
CA ILE A 526 -8.42 37.62 -23.65
C ILE A 526 -9.29 38.85 -23.89
N LYS A 527 -10.24 38.71 -24.82
CA LYS A 527 -11.10 39.84 -25.23
C LYS A 527 -12.15 40.20 -24.18
N LYS A 528 -12.56 39.22 -23.37
CA LYS A 528 -13.61 39.42 -22.37
C LYS A 528 -13.05 39.72 -20.97
N LYS A 529 -11.96 40.49 -20.92
CA LYS A 529 -11.37 40.89 -19.64
C LYS A 529 -10.49 42.12 -19.80
N LYS A 530 -10.44 42.95 -18.76
CA LYS A 530 -9.62 44.16 -18.79
C LYS A 530 -8.16 43.82 -18.60
N GLN A 531 -7.32 44.26 -19.55
CA GLN A 531 -5.89 44.04 -19.49
C GLN A 531 -5.26 44.90 -18.39
N GLN A 532 -4.09 44.50 -17.91
CA GLN A 532 -3.35 45.23 -16.90
C GLN A 532 -1.90 45.39 -17.31
N LYS A 533 -1.40 46.61 -17.24
CA LYS A 533 -0.02 46.92 -17.63
C LYS A 533 0.97 46.44 -16.56
N ILE A 534 2.15 46.03 -17.00
CA ILE A 534 3.21 45.58 -16.11
C ILE A 534 3.57 46.65 -15.06
N LYS A 535 3.55 47.92 -15.46
CA LYS A 535 3.87 49.02 -14.54
C LYS A 535 2.81 49.19 -13.43
N ASN A 536 1.54 48.98 -13.77
CA ASN A 536 0.45 49.11 -12.79
C ASN A 536 0.37 47.91 -11.85
N ILE A 537 0.76 46.73 -12.37
CA ILE A 537 0.87 45.54 -11.54
C ILE A 537 1.97 45.73 -10.51
N LEU A 538 3.14 46.18 -10.96
CA LEU A 538 4.29 46.40 -10.07
C LEU A 538 4.06 47.51 -9.04
N SER A 539 3.33 48.55 -9.41
CA SER A 539 3.07 49.68 -8.52
C SER A 539 1.92 49.43 -7.53
N ASN A 540 1.16 48.37 -7.74
CA ASN A 540 0.04 48.01 -6.85
C ASN A 540 0.58 47.49 -5.51
N LYS A 541 0.53 48.34 -4.48
CA LYS A 541 1.10 48.01 -3.16
C LYS A 541 0.33 46.91 -2.44
N THR A 542 -1.00 46.89 -2.60
CA THR A 542 -1.86 45.89 -1.98
C THR A 542 -1.66 44.50 -2.60
N LEU A 543 -1.47 44.47 -3.93
CA LEU A 543 -1.15 43.22 -4.62
C LEU A 543 0.20 42.67 -4.14
N ARG A 544 1.15 43.57 -3.92
CA ARG A 544 2.47 43.21 -3.41
C ARG A 544 2.39 42.70 -1.97
N GLU A 545 1.55 43.35 -1.15
CA GLU A 545 1.29 42.89 0.22
C GLU A 545 0.72 41.48 0.23
N HIS A 546 -0.33 41.27 -0.54
CA HIS A 546 -0.98 39.96 -0.69
C HIS A 546 0.04 38.89 -1.08
N ASN A 547 0.85 39.19 -2.09
CA ASN A 547 1.84 38.23 -2.60
C ASN A 547 3.03 38.00 -1.66
N SER A 548 3.33 38.97 -0.80
CA SER A 548 4.35 38.79 0.24
C SER A 548 3.87 37.77 1.28
N PHE A 549 2.59 37.84 1.62
CA PHE A 549 1.99 36.88 2.55
C PHE A 549 1.92 35.47 1.94
N VAL A 550 1.52 35.38 0.67
CA VAL A 550 1.48 34.10 -0.03
C VAL A 550 2.89 33.51 -0.14
N GLU A 551 3.86 34.35 -0.49
CA GLU A 551 5.27 33.95 -0.53
C GLU A 551 5.72 33.38 0.82
N ARG A 552 5.26 33.97 1.91
CA ARG A 552 5.58 33.48 3.25
C ARG A 552 4.95 32.11 3.52
N CYS A 553 3.74 31.90 3.01
CA CYS A 553 3.07 30.60 3.13
C CYS A 553 3.78 29.52 2.34
N ILE A 554 4.19 29.84 1.11
CA ILE A 554 4.91 28.88 0.27
C ILE A 554 6.31 28.62 0.81
N ASP A 555 6.99 29.67 1.27
CA ASP A 555 8.32 29.53 1.90
C ASP A 555 8.31 28.61 3.12
N TRP A 556 7.24 28.65 3.91
CA TRP A 556 7.05 27.73 5.03
C TRP A 556 7.07 26.28 4.54
N ASN A 557 6.28 26.00 3.51
CA ASN A 557 6.24 24.68 2.88
C ASN A 557 7.57 24.30 2.24
N ARG A 558 8.25 25.28 1.65
CA ARG A 558 9.56 25.05 1.02
C ARG A 558 10.53 24.42 2.02
N GLU A 559 10.62 25.01 3.20
CA GLU A 559 11.55 24.55 4.23
C GLU A 559 11.10 23.25 4.87
N LEU A 560 9.79 23.09 4.98
CA LEU A 560 9.17 21.86 5.45
C LEU A 560 9.51 20.69 4.52
N LEU A 561 9.38 20.94 3.22
CA LEU A 561 9.73 19.94 2.19
C LEU A 561 11.22 19.66 2.16
N LYS A 562 12.03 20.70 2.35
CA LYS A 562 13.49 20.53 2.39
C LYS A 562 13.91 19.64 3.56
N ARG A 563 13.26 19.80 4.71
CA ARG A 563 13.55 18.97 5.88
C ARG A 563 13.03 17.53 5.72
N GLU A 564 11.78 17.40 5.32
CA GLU A 564 11.10 16.09 5.29
C GLU A 564 11.39 15.23 4.04
N LEU A 565 11.83 15.87 2.96
CA LEU A 565 12.23 15.15 1.73
C LEU A 565 13.74 15.19 1.50
N GLY A 566 14.48 15.90 2.36
CA GLY A 566 15.94 16.00 2.25
C GLY A 566 16.42 16.78 1.04
N LEU A 567 15.63 17.77 0.61
CA LEU A 567 15.93 18.52 -0.60
C LEU A 567 16.93 19.64 -0.32
N ALA A 568 17.72 19.97 -1.34
CA ALA A 568 18.54 21.18 -1.35
C ALA A 568 17.92 22.15 -2.35
N GLU A 569 18.44 23.38 -2.39
CA GLU A 569 17.93 24.39 -3.33
C GLU A 569 18.10 23.96 -4.79
N SER A 570 19.14 23.18 -5.07
CA SER A 570 19.39 22.66 -6.41
C SER A 570 18.35 21.62 -6.88
N ASP A 571 17.53 21.13 -5.96
CA ASP A 571 16.40 20.26 -6.32
C ASP A 571 15.15 21.05 -6.66
N ILE A 572 15.14 22.35 -6.36
CA ILE A 572 13.93 23.16 -6.43
C ILE A 572 13.99 24.20 -7.55
N ILE A 573 12.92 24.29 -8.34
CA ILE A 573 12.76 25.33 -9.35
C ILE A 573 11.52 26.18 -9.04
N ASP A 574 11.70 27.49 -9.00
CA ASP A 574 10.59 28.41 -8.79
C ASP A 574 9.90 28.73 -10.12
N ILE A 575 8.57 28.67 -10.10
CA ILE A 575 7.74 28.98 -11.26
C ILE A 575 7.07 30.33 -11.00
N PRO A 576 7.26 31.31 -11.91
CA PRO A 576 6.66 32.63 -11.68
C PRO A 576 5.14 32.56 -11.59
N GLN A 577 4.58 33.07 -10.49
CA GLN A 577 3.14 32.97 -10.25
C GLN A 577 2.67 34.03 -9.27
N LEU A 578 1.75 34.88 -9.71
CA LEU A 578 1.11 35.88 -8.85
C LEU A 578 -0.17 35.31 -8.25
N PHE A 579 -0.51 35.80 -7.06
CA PHE A 579 -1.72 35.41 -6.35
C PHE A 579 -2.50 36.65 -5.91
N LYS A 580 -3.73 36.41 -5.47
CA LYS A 580 -4.58 37.46 -4.90
C LYS A 580 -5.43 36.86 -3.77
N LEU A 581 -5.63 37.63 -2.71
CA LEU A 581 -6.50 37.23 -1.60
C LEU A 581 -7.91 37.74 -1.86
N LYS A 582 -8.90 36.87 -1.62
CA LYS A 582 -10.31 37.22 -1.83
C LYS A 582 -11.11 36.97 -0.55
N GLU A 583 -12.12 36.10 -0.61
CA GLU A 583 -13.02 35.89 0.53
C GLU A 583 -12.27 35.20 1.67
N PHE A 584 -12.42 35.74 2.88
CA PHE A 584 -11.73 35.24 4.07
C PHE A 584 -10.21 35.35 3.97
N SER A 585 -9.73 36.30 3.16
CA SER A 585 -8.30 36.49 2.90
C SER A 585 -7.60 35.22 2.38
N LYS A 586 -8.35 34.40 1.64
CA LYS A 586 -7.83 33.16 1.08
C LYS A 586 -7.27 33.39 -0.32
N ALA A 587 -6.16 32.70 -0.62
CA ALA A 587 -5.41 32.95 -1.86
C ALA A 587 -6.03 32.26 -3.07
N GLU A 588 -6.06 32.99 -4.18
CA GLU A 588 -6.42 32.46 -5.49
C GLU A 588 -5.36 32.86 -6.50
N ALA A 589 -5.29 32.15 -7.61
CA ALA A 589 -4.34 32.45 -8.68
C ALA A 589 -4.74 33.74 -9.41
N PHE A 590 -3.78 34.65 -9.56
CA PHE A 590 -4.01 35.93 -10.24
C PHE A 590 -4.16 35.70 -11.75
N PHE A 591 -3.24 34.91 -12.30
CA PHE A 591 -3.37 34.37 -13.66
C PHE A 591 -3.27 32.85 -13.59
N PRO A 592 -3.71 32.13 -14.63
CA PRO A 592 -3.72 30.67 -14.58
C PRO A 592 -2.50 30.04 -13.92
N ASN A 593 -2.75 29.27 -12.86
CA ASN A 593 -1.73 28.70 -11.99
C ASN A 593 -0.87 27.65 -12.71
N MET A 594 0.28 28.10 -13.23
CA MET A 594 1.13 27.28 -14.10
C MET A 594 1.70 26.02 -13.45
N VAL A 595 1.96 26.07 -12.15
CA VAL A 595 2.50 24.91 -11.43
C VAL A 595 1.50 23.76 -11.38
N ASN A 596 0.21 24.09 -11.49
CA ASN A 596 -0.85 23.10 -11.50
C ASN A 596 -0.96 22.47 -12.89
N MET A 597 0.03 21.64 -13.22
CA MET A 597 0.22 21.13 -14.58
C MET A 597 0.07 19.61 -14.67
N LEU A 598 -0.19 19.14 -15.89
CA LEU A 598 -0.29 17.70 -16.18
C LEU A 598 1.09 17.21 -16.61
N VAL A 599 1.67 16.30 -15.83
CA VAL A 599 3.01 15.79 -16.07
C VAL A 599 2.95 14.39 -16.67
N LEU A 600 3.17 14.31 -17.98
CA LEU A 600 3.15 13.04 -18.72
C LEU A 600 4.56 12.71 -19.23
N GLY A 601 5.41 12.24 -18.33
CA GLY A 601 6.82 12.01 -18.64
C GLY A 601 7.51 13.33 -18.91
N LYS A 602 8.17 13.44 -20.06
CA LYS A 602 8.82 14.69 -20.47
C LYS A 602 7.85 15.66 -21.15
N HIS A 603 6.60 15.24 -21.36
CA HIS A 603 5.57 16.10 -21.95
C HIS A 603 4.73 16.76 -20.87
N LEU A 604 4.78 18.09 -20.82
CA LEU A 604 4.08 18.85 -19.78
C LEU A 604 2.88 19.61 -20.35
N GLY A 605 1.74 19.51 -19.66
CA GLY A 605 0.54 20.26 -20.00
C GLY A 605 0.34 21.39 -19.00
N ILE A 606 0.83 22.57 -19.34
CA ILE A 606 0.84 23.71 -18.44
C ILE A 606 -0.29 24.69 -18.75
N PRO A 607 -0.98 25.21 -17.73
CA PRO A 607 -1.99 26.24 -17.97
C PRO A 607 -1.43 27.48 -18.66
N LYS A 608 -2.10 27.94 -19.72
CA LYS A 608 -1.65 29.10 -20.48
C LYS A 608 -1.90 30.38 -19.66
N PRO A 609 -0.81 31.07 -19.25
CA PRO A 609 -0.95 32.22 -18.35
C PRO A 609 -1.50 33.49 -19.00
N PHE A 610 -1.39 33.60 -20.33
CA PHE A 610 -1.77 34.81 -21.06
C PHE A 610 -1.05 36.04 -20.48
N GLY A 611 0.27 35.93 -20.37
CA GLY A 611 1.10 36.98 -19.80
C GLY A 611 1.44 38.07 -20.80
N PRO A 612 2.26 39.05 -20.37
CA PRO A 612 2.69 40.13 -21.26
C PRO A 612 3.51 39.64 -22.46
N VAL A 613 3.04 39.96 -23.66
CA VAL A 613 3.71 39.53 -24.88
C VAL A 613 4.86 40.48 -25.22
N ILE A 614 6.08 39.97 -25.13
CA ILE A 614 7.29 40.72 -25.45
C ILE A 614 8.09 39.96 -26.51
N ASN A 615 8.48 40.68 -27.56
CA ASN A 615 9.16 40.10 -28.73
C ASN A 615 8.38 38.93 -29.33
N GLY A 616 7.05 39.10 -29.42
CA GLY A 616 6.18 38.12 -30.05
C GLY A 616 5.72 36.96 -29.18
N ARG A 617 6.22 36.85 -27.95
CA ARG A 617 5.86 35.72 -27.09
C ARG A 617 5.58 36.13 -25.64
N CYS A 618 4.63 35.43 -25.01
CA CYS A 618 4.33 35.60 -23.59
C CYS A 618 5.59 35.40 -22.75
N CYS A 619 5.97 36.42 -21.98
CA CYS A 619 7.20 36.38 -21.19
C CYS A 619 7.15 35.35 -20.07
N LEU A 620 5.95 35.02 -19.59
CA LEU A 620 5.77 33.97 -18.59
C LEU A 620 6.02 32.59 -19.19
N GLU A 621 5.52 32.36 -20.42
CA GLU A 621 5.79 31.11 -21.13
C GLU A 621 7.28 30.92 -21.40
N GLU A 622 7.93 31.99 -21.88
CA GLU A 622 9.36 31.94 -22.17
C GLU A 622 10.18 31.66 -20.91
N LYS A 623 9.78 32.24 -19.78
CA LYS A 623 10.47 32.02 -18.51
C LYS A 623 10.34 30.57 -18.06
N VAL A 624 9.13 30.02 -18.11
CA VAL A 624 8.90 28.62 -17.75
C VAL A 624 9.69 27.68 -18.68
N CYS A 625 9.63 27.96 -19.98
CA CYS A 625 10.39 27.21 -20.97
C CYS A 625 11.90 27.25 -20.70
N SER A 626 12.41 28.43 -20.33
CA SER A 626 13.84 28.58 -20.02
C SER A 626 14.25 27.80 -18.78
N LEU A 627 13.32 27.60 -17.86
CA LEU A 627 13.57 26.83 -16.64
C LEU A 627 13.50 25.33 -16.88
N LEU A 628 12.57 24.90 -17.71
CA LEU A 628 12.24 23.47 -17.85
C LEU A 628 12.82 22.79 -19.09
N GLU A 629 13.05 23.54 -20.17
CA GLU A 629 13.62 22.95 -21.39
C GLU A 629 15.04 22.39 -21.22
N PRO A 630 15.88 23.04 -20.39
CA PRO A 630 17.21 22.47 -20.08
C PRO A 630 17.16 21.09 -19.41
N LEU A 631 16.04 20.75 -18.77
CA LEU A 631 15.83 19.41 -18.20
C LEU A 631 15.29 18.42 -19.24
N GLY A 632 15.09 18.89 -20.48
CA GLY A 632 14.55 18.05 -21.55
C GLY A 632 13.04 17.88 -21.47
N LEU A 633 12.37 18.81 -20.80
CA LEU A 633 10.92 18.80 -20.70
C LEU A 633 10.29 19.60 -21.84
N GLN A 634 9.16 19.12 -22.35
CA GLN A 634 8.43 19.76 -23.45
C GLN A 634 7.22 20.47 -22.88
N CYS A 635 7.16 21.79 -23.03
CA CYS A 635 6.08 22.60 -22.45
C CYS A 635 4.98 22.90 -23.47
N THR A 636 3.78 22.38 -23.21
CA THR A 636 2.59 22.69 -24.00
C THR A 636 1.64 23.51 -23.14
N PHE A 637 1.39 24.76 -23.54
CA PHE A 637 0.53 25.65 -22.78
C PHE A 637 -0.91 25.56 -23.25
N ILE A 638 -1.80 25.09 -22.38
CA ILE A 638 -3.19 24.82 -22.71
C ILE A 638 -4.11 25.92 -22.21
N ASN A 639 -4.98 26.41 -23.10
CA ASN A 639 -5.96 27.43 -22.76
C ASN A 639 -7.10 26.84 -21.93
N ASP A 640 -7.12 27.14 -20.65
CA ASP A 640 -8.15 26.65 -19.73
C ASP A 640 -8.86 27.79 -19.00
N PHE A 641 -8.81 28.99 -19.58
CA PHE A 641 -9.18 30.22 -18.86
C PHE A 641 -10.65 30.28 -18.45
N PHE A 642 -11.54 30.24 -19.44
CA PHE A 642 -12.98 30.36 -19.18
C PHE A 642 -13.63 29.02 -18.87
N THR A 643 -12.87 27.94 -18.95
CA THR A 643 -13.37 26.59 -18.67
C THR A 643 -13.04 26.16 -17.24
N TYR A 644 -11.77 26.27 -16.85
CA TYR A 644 -11.31 25.81 -15.54
C TYR A 644 -10.87 26.95 -14.62
N HIS A 645 -10.02 27.84 -15.13
CA HIS A 645 -9.41 28.90 -14.31
C HIS A 645 -10.43 29.77 -13.58
N ILE A 646 -11.44 30.25 -14.30
CA ILE A 646 -12.48 31.11 -13.70
C ILE A 646 -13.32 30.38 -12.64
N ARG A 647 -13.25 29.04 -12.62
CA ARG A 647 -13.88 28.23 -11.58
C ARG A 647 -12.86 27.66 -10.59
N HIS A 648 -11.74 28.38 -10.44
CA HIS A 648 -10.75 28.16 -9.38
C HIS A 648 -9.97 26.83 -9.48
N GLY A 649 -9.62 26.45 -10.70
CA GLY A 649 -8.78 25.26 -10.93
C GLY A 649 -8.14 25.30 -12.32
N GLU A 650 -7.21 24.39 -12.58
CA GLU A 650 -6.46 24.39 -13.84
C GLU A 650 -6.35 22.98 -14.45
N VAL A 651 -5.29 22.74 -15.23
CA VAL A 651 -5.14 21.51 -16.00
C VAL A 651 -4.96 20.26 -15.13
N HIS A 652 -4.16 20.38 -14.07
CA HIS A 652 -4.00 19.27 -13.13
C HIS A 652 -5.31 18.95 -12.41
N CYS A 653 -6.03 20.00 -12.00
CA CYS A 653 -7.33 19.85 -11.34
C CYS A 653 -8.38 19.16 -12.23
N GLY A 654 -8.35 19.48 -13.53
CA GLY A 654 -9.30 18.90 -14.48
C GLY A 654 -8.95 17.52 -15.01
N THR A 655 -7.82 16.95 -14.56
CA THR A 655 -7.35 15.65 -15.07
C THR A 655 -6.83 14.75 -13.96
N ASN A 656 -6.51 13.51 -14.33
CA ASN A 656 -5.89 12.56 -13.42
C ASN A 656 -5.09 11.53 -14.23
N VAL A 657 -4.15 10.87 -13.58
CA VAL A 657 -3.25 9.93 -14.28
C VAL A 657 -3.02 8.65 -13.49
N ARG A 658 -3.07 7.53 -14.19
CA ARG A 658 -2.62 6.25 -13.66
C ARG A 658 -1.17 6.05 -14.13
N ARG A 659 -0.29 5.71 -13.20
CA ARG A 659 1.14 5.58 -13.50
C ARG A 659 1.68 4.22 -13.13
N LYS A 660 2.83 3.88 -13.70
CA LYS A 660 3.46 2.58 -13.47
C LYS A 660 3.83 2.42 -11.99
N PRO A 661 3.51 1.26 -11.39
CA PRO A 661 3.96 0.98 -10.03
C PRO A 661 5.48 0.91 -9.91
N PHE A 662 6.01 1.18 -8.73
CA PHE A 662 7.46 1.12 -8.51
C PHE A 662 7.98 -0.29 -8.70
N SER A 663 9.17 -0.41 -9.28
CA SER A 663 9.86 -1.69 -9.40
C SER A 663 10.34 -2.16 -8.03
N PHE A 664 10.69 -1.21 -7.16
CA PHE A 664 11.07 -1.53 -5.79
C PHE A 664 9.87 -2.14 -5.05
N LYS A 665 10.08 -3.30 -4.45
CA LYS A 665 9.01 -4.01 -3.76
C LYS A 665 8.87 -3.47 -2.33
N TRP A 666 7.65 -3.07 -1.96
CA TRP A 666 7.41 -2.36 -0.70
C TRP A 666 7.91 -3.13 0.54
N TRP A 667 7.79 -4.45 0.53
CA TRP A 667 8.20 -5.28 1.67
C TRP A 667 9.72 -5.27 1.91
N ASN A 668 10.50 -4.92 0.90
CA ASN A 668 11.96 -4.78 1.06
C ASN A 668 12.38 -3.47 1.73
N MET A 669 11.41 -2.61 2.03
CA MET A 669 11.64 -1.40 2.80
C MET A 669 11.70 -1.74 4.28
N VAL A 670 12.34 -0.88 5.07
CA VAL A 670 12.32 -0.98 6.54
C VAL A 670 11.77 0.33 7.14
N PRO A 671 10.43 0.46 7.18
CA PRO A 671 9.79 1.72 7.62
C PRO A 671 10.13 2.11 9.05
#